data_6ALS
#
_entry.id   6ALS
#
_entity_poly.entity_id   1
_entity_poly.type   'polydeoxyribonucleotide'
_entity_poly.pdbx_seq_one_letter_code
;(DCZ)(DG)(5CM)(8OG)(DA)(DA)(DT)(DT)(5CM)(DG)(DC)(DG)
;
_entity_poly.pdbx_strand_id   A,B
#